data_3OCR
#
_entry.id   3OCR
#
_cell.length_a   74.407
_cell.length_b   74.407
_cell.length_c   179.909
_cell.angle_alpha   90.000
_cell.angle_beta   90.000
_cell.angle_gamma   90.000
#
_symmetry.space_group_name_H-M   'P 4 21 2'
#
loop_
_entity.id
_entity.type
_entity.pdbx_description
1 polymer 'Class II aldolase/adducin domain protein'
2 non-polymer 'SULFATE ION'
3 water water
#
_entity_poly.entity_id   1
_entity_poly.type   'polypeptide(L)'
_entity_poly.pdbx_seq_one_letter_code
;GH(MSE)SNVSALPLQPGTTPSGGGSVRDRVSPQEWEVRVKLAAAYRLAALKRWTDHIYTHFSARVPGPDEHFLINAFGL
LFDEITASNLVKVDIDGTIVDDPTGLGINYAGYVIHSAIHAARHDLQAVLHTHTRDGIAVSAQKDGLLPISQHSIAFSGR
VAYHGYEGIALDLSERERLVADLGDKSV(MSE)ILRNHGLLTGGVSVEHAIQQLHALEYACNIQIAAQSAGNAELVFPPR
EVIAKVEEQAKAIKDGNGPGVARHWNALIRELERSGTDYRD
;
_entity_poly.pdbx_strand_id   A,B
#
# COMPACT_ATOMS: atom_id res chain seq x y z
N GLY A 21 -0.88 8.95 -0.07
CA GLY A 21 0.23 8.75 -1.05
C GLY A 21 0.15 9.73 -2.20
N SER A 22 0.81 10.88 -2.02
CA SER A 22 0.78 11.97 -2.98
C SER A 22 1.50 11.65 -4.31
N VAL A 23 2.61 10.93 -4.25
CA VAL A 23 3.32 10.55 -5.48
C VAL A 23 2.43 9.74 -6.42
N ARG A 24 1.77 8.71 -5.88
CA ARG A 24 0.92 7.81 -6.69
C ARG A 24 -0.32 8.54 -7.24
N ASP A 25 -0.73 9.63 -6.58
CA ASP A 25 -1.89 10.41 -7.00
C ASP A 25 -1.66 11.18 -8.31
N ARG A 26 -0.40 11.53 -8.60
CA ARG A 26 -0.10 12.45 -9.70
C ARG A 26 0.65 11.81 -10.87
N VAL A 27 1.12 10.57 -10.72
CA VAL A 27 1.85 9.87 -11.79
C VAL A 27 0.92 8.86 -12.50
N SER A 28 1.27 8.50 -13.74
CA SER A 28 0.47 7.50 -14.47
C SER A 28 0.56 6.13 -13.76
N PRO A 29 -0.50 5.31 -13.89
CA PRO A 29 -0.45 3.95 -13.36
C PRO A 29 0.74 3.16 -13.90
N GLN A 30 1.13 3.44 -15.15
CA GLN A 30 2.30 2.80 -15.75
C GLN A 30 3.61 3.25 -15.09
N GLU A 31 3.73 4.55 -14.81
CA GLU A 31 4.87 5.03 -14.04
C GLU A 31 4.88 4.41 -12.64
N TRP A 32 3.75 4.45 -11.93
CA TRP A 32 3.66 3.83 -10.60
C TRP A 32 4.14 2.36 -10.54
N GLU A 33 3.74 1.57 -11.54
N GLU A 33 3.74 1.56 -11.53
N GLU A 33 3.76 1.53 -11.51
CA GLU A 33 4.12 0.17 -11.67
CA GLU A 33 4.14 0.15 -11.63
CA GLU A 33 4.18 0.14 -11.48
C GLU A 33 5.64 0.01 -11.71
C GLU A 33 5.65 0.00 -11.71
C GLU A 33 5.70 -0.01 -11.69
N VAL A 34 6.29 0.91 -12.45
CA VAL A 34 7.76 0.85 -12.64
C VAL A 34 8.49 1.37 -11.39
N ARG A 35 7.88 2.33 -10.70
CA ARG A 35 8.40 2.82 -9.43
C ARG A 35 8.45 1.69 -8.41
N VAL A 36 7.40 0.87 -8.39
CA VAL A 36 7.31 -0.26 -7.47
C VAL A 36 8.37 -1.30 -7.80
N LYS A 37 8.47 -1.68 -9.08
CA LYS A 37 9.48 -2.65 -9.57
C LYS A 37 10.92 -2.22 -9.35
N LEU A 38 11.24 -0.95 -9.65
CA LEU A 38 12.61 -0.43 -9.44
C LEU A 38 12.95 -0.35 -7.94
N ALA A 39 11.97 0.03 -7.09
CA ALA A 39 12.19 0.02 -5.65
C ALA A 39 12.46 -1.39 -5.11
N ALA A 40 11.70 -2.37 -5.61
CA ALA A 40 11.93 -3.77 -5.25
C ALA A 40 13.32 -4.18 -5.68
N ALA A 41 13.76 -3.72 -6.84
CA ALA A 41 15.11 -4.07 -7.34
C ALA A 41 16.20 -3.52 -6.39
N TYR A 42 16.04 -2.26 -5.95
CA TYR A 42 16.95 -1.69 -4.95
C TYR A 42 17.02 -2.48 -3.63
N ARG A 43 15.86 -2.76 -3.03
CA ARG A 43 15.77 -3.59 -1.83
C ARG A 43 16.26 -5.03 -1.96
N LEU A 44 16.03 -5.64 -3.12
CA LEU A 44 16.54 -6.99 -3.40
C LEU A 44 18.07 -7.01 -3.41
N ALA A 45 18.63 -5.96 -4.00
CA ALA A 45 20.10 -5.84 -4.12
C ALA A 45 20.69 -5.67 -2.73
N ALA A 46 19.95 -4.98 -1.86
CA ALA A 46 20.35 -4.80 -0.48
C ALA A 46 20.25 -6.14 0.25
N LEU A 47 19.13 -6.84 0.10
CA LEU A 47 18.96 -8.17 0.67
C LEU A 47 20.06 -9.15 0.21
N LYS A 48 20.36 -9.15 -1.09
CA LYS A 48 21.39 -10.03 -1.65
C LYS A 48 22.79 -9.46 -1.50
N ARG A 49 22.92 -8.31 -0.84
CA ARG A 49 24.21 -7.67 -0.57
C ARG A 49 25.00 -7.32 -1.84
N TRP A 50 24.30 -6.75 -2.84
CA TRP A 50 24.98 -6.31 -4.06
C TRP A 50 25.33 -4.81 -3.99
N THR A 51 25.50 -4.29 -2.79
CA THR A 51 25.55 -2.84 -2.58
C THR A 51 26.96 -2.36 -2.26
N ASP A 52 27.17 -1.07 -2.48
CA ASP A 52 28.42 -0.41 -2.12
C ASP A 52 28.00 0.91 -1.44
N HIS A 53 27.42 0.75 -0.25
CA HIS A 53 26.95 1.87 0.57
C HIS A 53 26.02 2.74 -0.26
N ILE A 54 26.34 4.01 -0.43
CA ILE A 54 25.45 4.92 -1.15
C ILE A 54 25.82 5.10 -2.62
N TYR A 55 26.77 4.31 -3.11
CA TYR A 55 27.25 4.48 -4.46
C TYR A 55 26.59 3.41 -5.35
N THR A 56 26.76 3.52 -6.66
CA THR A 56 26.02 2.69 -7.64
C THR A 56 24.49 2.90 -7.65
N HIS A 57 23.90 2.60 -8.80
CA HIS A 57 22.56 3.03 -9.12
C HIS A 57 21.88 2.08 -10.07
N PHE A 58 20.56 1.99 -9.93
CA PHE A 58 19.70 1.30 -10.90
C PHE A 58 18.77 2.31 -11.53
N SER A 59 18.65 2.32 -12.86
CA SER A 59 17.69 3.24 -13.51
C SER A 59 16.64 2.46 -14.32
N ALA A 60 15.45 3.05 -14.47
CA ALA A 60 14.40 2.53 -15.34
C ALA A 60 13.74 3.66 -16.12
N ARG A 61 13.40 3.41 -17.38
CA ARG A 61 12.61 4.34 -18.14
C ARG A 61 11.16 4.36 -17.64
N VAL A 62 10.61 5.56 -17.49
CA VAL A 62 9.19 5.76 -17.20
C VAL A 62 8.42 5.50 -18.50
N PRO A 63 7.50 4.52 -18.51
CA PRO A 63 6.76 4.29 -19.75
C PRO A 63 5.91 5.49 -20.11
N GLY A 64 5.90 5.86 -21.37
CA GLY A 64 5.13 7.01 -21.84
C GLY A 64 5.85 7.75 -22.96
N PRO A 65 5.32 8.90 -23.38
CA PRO A 65 5.91 9.65 -24.50
C PRO A 65 7.13 10.51 -24.13
N ASP A 66 7.50 10.54 -22.86
CA ASP A 66 8.61 11.37 -22.37
C ASP A 66 9.86 10.54 -22.08
N GLU A 67 11.02 11.07 -22.46
CA GLU A 67 12.28 10.42 -22.12
C GLU A 67 12.65 10.74 -20.67
N HIS A 68 11.85 10.19 -19.74
CA HIS A 68 12.06 10.35 -18.31
C HIS A 68 12.45 9.03 -17.67
N PHE A 69 13.24 9.12 -16.59
CA PHE A 69 13.87 7.98 -15.93
C PHE A 69 13.83 8.10 -14.41
N LEU A 70 13.78 6.96 -13.75
CA LEU A 70 13.78 6.88 -12.29
C LEU A 70 15.12 6.39 -11.75
N ILE A 71 15.57 7.01 -10.66
CA ILE A 71 16.82 6.65 -9.99
C ILE A 71 16.70 7.01 -8.50
N ASN A 72 17.58 6.43 -7.67
CA ASN A 72 17.61 6.75 -6.24
C ASN A 72 18.00 8.20 -5.98
N ALA A 73 17.44 8.75 -4.91
CA ALA A 73 17.82 10.04 -4.37
C ALA A 73 19.23 9.98 -3.81
N PHE A 74 19.94 11.10 -3.94
CA PHE A 74 21.34 11.28 -3.52
C PHE A 74 21.53 11.00 -2.05
N GLY A 75 22.25 9.94 -1.73
CA GLY A 75 22.60 9.69 -0.32
C GLY A 75 21.72 8.69 0.44
N LEU A 76 20.66 8.20 -0.17
CA LEU A 76 19.86 7.13 0.43
C LEU A 76 20.49 5.77 0.17
N LEU A 77 20.38 4.89 1.15
CA LEU A 77 20.77 3.49 0.99
C LEU A 77 19.71 2.69 0.21
N PHE A 78 20.15 1.65 -0.49
CA PHE A 78 19.28 0.77 -1.30
C PHE A 78 18.14 0.27 -0.45
N ASP A 79 18.45 0.08 0.83
CA ASP A 79 17.57 -0.38 1.88
C ASP A 79 16.43 0.59 2.21
N GLU A 80 16.55 1.82 1.73
CA GLU A 80 15.63 2.87 2.13
C GLU A 80 14.73 3.24 0.97
N ILE A 81 15.02 2.69 -0.19
CA ILE A 81 14.34 3.12 -1.40
C ILE A 81 12.88 2.63 -1.39
N THR A 82 11.98 3.48 -1.83
CA THR A 82 10.56 3.14 -1.93
C THR A 82 10.02 3.64 -3.27
N ALA A 83 8.94 3.04 -3.74
CA ALA A 83 8.22 3.55 -4.92
C ALA A 83 8.02 5.05 -4.86
N SER A 84 7.58 5.55 -3.69
CA SER A 84 7.36 6.98 -3.50
C SER A 84 8.60 7.88 -3.49
N ASN A 85 9.78 7.36 -3.18
CA ASN A 85 10.91 8.31 -3.03
C ASN A 85 11.94 8.29 -4.16
N LEU A 86 11.68 7.47 -5.17
CA LEU A 86 12.54 7.43 -6.34
C LEU A 86 12.45 8.80 -6.99
N VAL A 87 13.52 9.17 -7.71
CA VAL A 87 13.53 10.47 -8.34
C VAL A 87 13.36 10.32 -9.85
N LYS A 88 12.47 11.14 -10.41
CA LYS A 88 12.26 11.19 -11.85
C LYS A 88 13.09 12.29 -12.47
N VAL A 89 13.95 11.89 -13.42
CA VAL A 89 14.86 12.82 -14.09
C VAL A 89 14.73 12.66 -15.62
N ASP A 90 15.17 13.68 -16.36
CA ASP A 90 15.17 13.62 -17.84
C ASP A 90 16.49 12.97 -18.27
N ILE A 91 16.73 12.90 -19.57
CA ILE A 91 17.96 12.28 -20.08
C ILE A 91 19.24 12.98 -19.61
N ASP A 92 19.15 14.25 -19.24
CA ASP A 92 20.32 15.02 -18.75
C ASP A 92 20.57 14.86 -17.26
N GLY A 93 19.61 14.30 -16.54
CA GLY A 93 19.69 14.22 -15.10
C GLY A 93 19.04 15.37 -14.37
N THR A 94 18.31 16.21 -15.10
CA THR A 94 17.60 17.32 -14.49
C THR A 94 16.37 16.76 -13.79
N ILE A 95 16.12 17.21 -12.57
CA ILE A 95 14.98 16.73 -11.81
C ILE A 95 13.73 17.07 -12.59
N VAL A 96 12.84 16.09 -12.75
CA VAL A 96 11.49 16.37 -13.22
C VAL A 96 10.55 16.32 -12.02
N ASP A 97 10.75 15.34 -11.15
CA ASP A 97 9.92 15.14 -9.97
C ASP A 97 10.76 14.50 -8.85
N ASP A 98 11.14 15.30 -7.85
CA ASP A 98 11.94 14.79 -6.73
C ASP A 98 11.17 14.90 -5.42
N PRO A 99 10.48 13.81 -5.04
CA PRO A 99 9.68 13.83 -3.80
C PRO A 99 10.52 13.98 -2.53
N THR A 100 11.84 13.85 -2.62
CA THR A 100 12.71 13.90 -1.43
C THR A 100 13.38 15.25 -1.17
N GLY A 101 13.54 16.05 -2.22
CA GLY A 101 14.33 17.27 -2.12
C GLY A 101 15.83 17.02 -2.00
N LEU A 102 16.25 15.76 -2.15
CA LEU A 102 17.67 15.41 -2.05
C LEU A 102 18.39 15.43 -3.39
N GLY A 103 17.62 15.48 -4.47
CA GLY A 103 18.19 15.38 -5.82
C GLY A 103 18.85 14.05 -6.04
N ILE A 104 19.74 14.00 -7.02
CA ILE A 104 20.36 12.74 -7.42
C ILE A 104 21.85 12.90 -7.41
N ASN A 105 22.55 11.78 -7.49
CA ASN A 105 23.98 11.82 -7.74
C ASN A 105 24.15 12.05 -9.22
N TYR A 106 24.35 13.32 -9.58
CA TYR A 106 24.39 13.72 -10.97
C TYR A 106 25.50 13.01 -11.76
N ALA A 107 26.66 12.86 -11.14
CA ALA A 107 27.80 12.22 -11.82
C ALA A 107 27.61 10.71 -11.98
N GLY A 108 26.94 10.08 -11.00
CA GLY A 108 26.64 8.65 -11.07
C GLY A 108 25.61 8.28 -12.13
N TYR A 109 24.80 9.26 -12.55
CA TYR A 109 23.76 9.05 -13.55
C TYR A 109 24.24 9.05 -15.01
N VAL A 110 25.42 9.60 -15.24
CA VAL A 110 25.96 9.71 -16.60
C VAL A 110 26.02 8.37 -17.35
N ILE A 111 26.47 7.31 -16.68
CA ILE A 111 26.52 6.00 -17.34
C ILE A 111 25.12 5.51 -17.76
N HIS A 112 24.15 5.70 -16.87
CA HIS A 112 22.77 5.36 -17.15
C HIS A 112 22.25 6.14 -18.35
N SER A 113 22.48 7.46 -18.32
CA SER A 113 22.08 8.35 -19.40
C SER A 113 22.70 7.93 -20.75
N ALA A 114 24.00 7.66 -20.75
CA ALA A 114 24.69 7.26 -22.00
C ALA A 114 24.06 6.00 -22.60
N ILE A 115 23.80 5.00 -21.77
CA ILE A 115 23.24 3.74 -22.26
C ILE A 115 21.76 3.89 -22.69
N HIS A 116 20.92 4.48 -21.83
CA HIS A 116 19.51 4.72 -22.17
C HIS A 116 19.31 5.49 -23.48
N ALA A 117 20.17 6.47 -23.74
CA ALA A 117 20.05 7.27 -24.95
C ALA A 117 20.40 6.43 -26.17
N ALA A 118 21.45 5.61 -26.04
CA ALA A 118 21.94 4.80 -27.16
C ALA A 118 21.09 3.58 -27.48
N ARG A 119 20.36 3.10 -26.49
CA ARG A 119 19.66 1.83 -26.60
C ARG A 119 18.26 1.99 -26.02
N HIS A 120 17.33 2.43 -26.88
CA HIS A 120 15.94 2.68 -26.47
C HIS A 120 15.19 1.40 -26.06
N ASP A 121 15.73 0.26 -26.48
CA ASP A 121 15.18 -1.04 -26.10
C ASP A 121 15.39 -1.37 -24.62
N LEU A 122 16.46 -0.84 -24.03
CA LEU A 122 16.78 -1.15 -22.65
C LEU A 122 15.98 -0.23 -21.72
N GLN A 123 14.97 -0.80 -21.06
CA GLN A 123 14.11 -0.06 -20.17
C GLN A 123 14.70 0.02 -18.75
N ALA A 124 15.78 -0.72 -18.51
CA ALA A 124 16.42 -0.71 -17.19
C ALA A 124 17.90 -0.92 -17.33
N VAL A 125 18.68 -0.18 -16.53
CA VAL A 125 20.15 -0.31 -16.54
C VAL A 125 20.63 -0.39 -15.10
N LEU A 126 21.29 -1.49 -14.77
CA LEU A 126 21.80 -1.76 -13.43
C LEU A 126 23.31 -1.75 -13.39
N HIS A 127 23.87 -1.10 -12.38
CA HIS A 127 25.31 -1.15 -12.25
C HIS A 127 25.68 -1.51 -10.82
N THR A 128 26.57 -2.49 -10.63
CA THR A 128 26.97 -2.86 -9.25
C THR A 128 28.47 -2.90 -9.03
N HIS A 129 28.84 -2.77 -7.73
CA HIS A 129 30.22 -2.86 -7.28
C HIS A 129 30.33 -3.91 -6.20
N THR A 130 30.19 -5.18 -6.55
CA THR A 130 30.27 -6.25 -5.57
C THR A 130 31.67 -6.78 -5.51
N ARG A 131 32.02 -7.41 -4.38
N ARG A 131 32.01 -7.41 -4.37
CA ARG A 131 33.32 -8.06 -4.21
CA ARG A 131 33.29 -8.07 -4.19
C ARG A 131 33.71 -8.95 -5.40
C ARG A 131 33.69 -8.94 -5.39
N ASP A 132 32.84 -9.90 -5.75
CA ASP A 132 33.21 -10.88 -6.77
C ASP A 132 33.02 -10.38 -8.22
N GLY A 133 32.04 -9.54 -8.43
CA GLY A 133 31.86 -8.83 -9.74
C GLY A 133 33.07 -7.97 -10.13
N ILE A 134 33.53 -7.14 -9.18
CA ILE A 134 34.74 -6.35 -9.40
C ILE A 134 35.95 -7.27 -9.58
N ALA A 135 36.03 -8.34 -8.75
CA ALA A 135 37.15 -9.26 -8.83
C ALA A 135 37.27 -9.88 -10.22
N VAL A 136 36.16 -10.41 -10.72
CA VAL A 136 36.15 -10.92 -12.10
C VAL A 136 36.49 -9.81 -13.11
N SER A 137 35.91 -8.63 -12.91
N SER A 137 35.95 -8.61 -12.92
CA SER A 137 36.28 -7.45 -13.72
CA SER A 137 36.30 -7.48 -13.79
C SER A 137 37.78 -7.23 -13.81
C SER A 137 37.77 -7.07 -13.74
N ALA A 138 38.49 -7.50 -12.70
CA ALA A 138 39.92 -7.16 -12.58
C ALA A 138 40.86 -8.17 -13.22
N GLN A 139 40.31 -9.22 -13.84
CA GLN A 139 41.15 -10.30 -14.41
C GLN A 139 41.23 -10.29 -15.94
N LYS A 140 42.42 -10.58 -16.48
CA LYS A 140 42.67 -10.52 -17.92
C LYS A 140 41.62 -11.22 -18.75
N ASP A 141 41.33 -12.46 -18.40
CA ASP A 141 40.42 -13.28 -19.17
C ASP A 141 38.96 -13.09 -18.71
N GLY A 142 38.73 -12.20 -17.77
CA GLY A 142 37.37 -11.90 -17.35
C GLY A 142 36.61 -13.16 -16.97
N LEU A 143 35.35 -13.24 -17.38
CA LEU A 143 34.49 -14.36 -16.95
C LEU A 143 34.79 -15.63 -17.74
N LEU A 144 35.23 -16.66 -17.03
CA LEU A 144 35.69 -17.91 -17.64
C LEU A 144 34.51 -18.86 -17.92
N PRO A 145 34.59 -19.69 -18.98
CA PRO A 145 33.52 -20.65 -19.24
C PRO A 145 33.72 -21.99 -18.46
N ILE A 146 33.53 -21.98 -17.15
CA ILE A 146 33.91 -23.14 -16.31
C ILE A 146 32.77 -23.65 -15.43
N SER A 147 31.60 -23.06 -15.60
CA SER A 147 30.43 -23.49 -14.86
C SER A 147 29.20 -23.30 -15.74
N GLN A 148 28.12 -24.04 -15.46
CA GLN A 148 26.87 -23.82 -16.19
C GLN A 148 26.46 -22.35 -16.17
N HIS A 149 26.63 -21.73 -15.00
CA HIS A 149 26.24 -20.35 -14.78
C HIS A 149 27.03 -19.34 -15.62
N SER A 150 28.34 -19.52 -15.71
CA SER A 150 29.15 -18.63 -16.55
C SER A 150 29.01 -18.94 -18.05
N ILE A 151 28.88 -20.23 -18.39
CA ILE A 151 28.83 -20.67 -19.81
C ILE A 151 27.55 -20.14 -20.46
N ALA A 152 26.50 -20.02 -19.67
CA ALA A 152 25.24 -19.42 -20.13
C ALA A 152 25.41 -17.96 -20.63
N PHE A 153 26.42 -17.25 -20.14
CA PHE A 153 26.77 -15.90 -20.64
C PHE A 153 27.70 -15.87 -21.86
N SER A 154 28.07 -17.04 -22.38
CA SER A 154 29.02 -17.05 -23.50
C SER A 154 28.41 -16.29 -24.69
N GLY A 155 29.16 -15.33 -25.21
CA GLY A 155 28.73 -14.49 -26.33
C GLY A 155 27.69 -13.44 -25.95
N ARG A 156 27.41 -13.25 -24.67
CA ARG A 156 26.46 -12.23 -24.24
C ARG A 156 27.14 -11.00 -23.58
N VAL A 157 28.45 -11.08 -23.37
CA VAL A 157 29.11 -10.16 -22.47
C VAL A 157 30.04 -9.22 -23.21
N ALA A 158 29.83 -7.92 -23.01
CA ALA A 158 30.73 -6.90 -23.52
C ALA A 158 31.79 -6.56 -22.47
N TYR A 159 32.97 -6.15 -22.92
CA TYR A 159 33.98 -5.59 -22.00
C TYR A 159 34.33 -4.13 -22.33
N HIS A 160 34.57 -3.36 -21.28
CA HIS A 160 34.92 -1.95 -21.40
C HIS A 160 36.13 -1.68 -20.49
N GLY A 161 37.25 -1.31 -21.11
CA GLY A 161 38.49 -0.91 -20.42
C GLY A 161 38.30 0.28 -19.48
N TYR A 162 38.96 0.24 -18.32
CA TYR A 162 38.80 1.27 -17.28
C TYR A 162 39.45 2.59 -17.67
N GLU A 163 38.70 3.69 -17.50
CA GLU A 163 39.24 5.01 -17.84
C GLU A 163 39.17 6.04 -16.70
N GLY A 164 38.68 5.65 -15.54
CA GLY A 164 38.67 6.54 -14.38
C GLY A 164 37.26 6.67 -13.87
N ILE A 165 37.06 7.59 -12.94
CA ILE A 165 35.76 7.71 -12.26
C ILE A 165 34.73 8.42 -13.14
N ALA A 166 35.07 9.62 -13.60
CA ALA A 166 34.16 10.43 -14.41
C ALA A 166 34.14 9.93 -15.84
N LEU A 167 32.94 9.92 -16.41
CA LEU A 167 32.74 9.43 -17.75
C LEU A 167 32.65 10.64 -18.70
N ASP A 168 33.78 11.00 -19.32
CA ASP A 168 33.80 12.09 -20.29
C ASP A 168 33.29 11.59 -21.64
N LEU A 169 33.08 12.53 -22.55
CA LEU A 169 32.49 12.29 -23.85
C LEU A 169 33.24 11.25 -24.66
N SER A 170 34.57 11.34 -24.66
CA SER A 170 35.42 10.37 -25.34
C SER A 170 35.15 8.94 -24.82
N GLU A 171 35.08 8.78 -23.50
CA GLU A 171 34.75 7.49 -22.91
C GLU A 171 33.28 7.07 -23.12
N ARG A 172 32.34 8.03 -23.02
CA ARG A 172 30.93 7.74 -23.27
C ARG A 172 30.74 7.06 -24.65
N GLU A 173 31.43 7.58 -25.66
CA GLU A 173 31.37 7.03 -27.01
C GLU A 173 31.86 5.57 -27.02
N ARG A 174 33.02 5.34 -26.39
CA ARG A 174 33.63 4.01 -26.34
C ARG A 174 32.76 3.02 -25.58
N LEU A 175 32.10 3.51 -24.52
CA LEU A 175 31.23 2.67 -23.69
C LEU A 175 30.07 2.12 -24.51
N VAL A 176 29.46 2.98 -25.32
CA VAL A 176 28.35 2.59 -26.19
C VAL A 176 28.87 1.65 -27.30
N ALA A 177 30.00 2.01 -27.91
CA ALA A 177 30.62 1.16 -28.93
C ALA A 177 30.97 -0.22 -28.39
N ASP A 178 31.51 -0.28 -27.18
CA ASP A 178 31.85 -1.54 -26.52
C ASP A 178 30.60 -2.40 -26.24
N LEU A 179 29.54 -1.80 -25.71
CA LEU A 179 28.33 -2.56 -25.45
C LEU A 179 27.70 -3.13 -26.73
N GLY A 180 27.70 -2.32 -27.80
CA GLY A 180 27.11 -2.73 -29.09
C GLY A 180 25.67 -3.16 -28.87
N ASP A 181 25.33 -4.34 -29.39
N ASP A 181 25.32 -4.32 -29.40
CA ASP A 181 23.97 -4.87 -29.34
CA ASP A 181 23.96 -4.83 -29.31
C ASP A 181 23.67 -5.68 -28.07
C ASP A 181 23.78 -5.86 -28.18
N LYS A 182 24.66 -5.83 -27.18
CA LYS A 182 24.55 -6.73 -26.02
C LYS A 182 23.82 -6.01 -24.87
N SER A 183 23.52 -6.74 -23.81
CA SER A 183 22.83 -6.15 -22.68
C SER A 183 23.48 -6.50 -21.34
N VAL A 184 24.71 -7.02 -21.41
CA VAL A 184 25.53 -7.35 -20.23
C VAL A 184 26.95 -6.88 -20.53
N ILE A 186 30.97 -6.15 -18.66
CA ILE A 186 31.88 -6.12 -17.55
C ILE A 186 32.72 -4.86 -17.71
N LEU A 187 32.60 -3.98 -16.73
CA LEU A 187 33.39 -2.76 -16.72
C LEU A 187 34.70 -3.11 -16.02
N ARG A 188 35.77 -3.32 -16.81
CA ARG A 188 37.01 -3.82 -16.26
C ARG A 188 37.51 -2.91 -15.13
N ASN A 189 38.02 -3.58 -14.09
CA ASN A 189 38.51 -2.98 -12.85
C ASN A 189 37.46 -2.11 -12.19
N HIS A 190 36.20 -2.38 -12.43
CA HIS A 190 35.23 -1.39 -12.00
C HIS A 190 33.99 -2.06 -11.44
N GLY A 191 33.40 -2.99 -12.19
CA GLY A 191 32.23 -3.76 -11.72
C GLY A 191 31.35 -4.28 -12.88
N LEU A 192 30.06 -4.41 -12.62
CA LEU A 192 29.18 -5.08 -13.58
C LEU A 192 28.06 -4.17 -14.03
N LEU A 193 27.65 -4.36 -15.28
CA LEU A 193 26.52 -3.65 -15.82
C LEU A 193 25.59 -4.60 -16.59
N THR A 194 24.31 -4.49 -16.25
CA THR A 194 23.29 -5.28 -16.88
C THR A 194 22.17 -4.36 -17.42
N GLY A 195 21.66 -4.65 -18.62
CA GLY A 195 20.50 -3.95 -19.13
C GLY A 195 19.39 -4.96 -19.27
N GLY A 196 18.16 -4.48 -19.50
CA GLY A 196 17.03 -5.37 -19.76
C GLY A 196 15.87 -4.63 -20.38
N VAL A 197 14.95 -5.39 -20.96
CA VAL A 197 13.76 -4.86 -21.61
C VAL A 197 12.75 -4.48 -20.51
N SER A 198 13.09 -4.82 -19.27
CA SER A 198 12.28 -4.50 -18.10
C SER A 198 13.22 -4.56 -16.91
N VAL A 199 12.77 -4.05 -15.77
CA VAL A 199 13.49 -4.19 -14.50
C VAL A 199 13.69 -5.69 -14.18
N GLU A 200 12.66 -6.48 -14.42
CA GLU A 200 12.69 -7.92 -14.13
C GLU A 200 13.78 -8.61 -14.96
N HIS A 201 13.81 -8.31 -16.25
CA HIS A 201 14.81 -8.91 -17.13
C HIS A 201 16.26 -8.53 -16.72
N ALA A 202 16.49 -7.24 -16.44
CA ALA A 202 17.77 -6.73 -16.00
C ALA A 202 18.22 -7.39 -14.70
N ILE A 203 17.29 -7.53 -13.76
CA ILE A 203 17.60 -8.12 -12.49
C ILE A 203 17.91 -9.61 -12.61
N GLN A 204 17.22 -10.32 -13.53
CA GLN A 204 17.48 -11.75 -13.68
C GLN A 204 18.90 -11.93 -14.20
N GLN A 205 19.28 -11.13 -15.20
CA GLN A 205 20.64 -11.21 -15.75
C GLN A 205 21.69 -10.84 -14.69
N LEU A 206 21.40 -9.84 -13.84
CA LEU A 206 22.36 -9.41 -12.83
C LEU A 206 22.58 -10.49 -11.75
N HIS A 207 21.48 -11.00 -11.23
CA HIS A 207 21.46 -12.14 -10.31
C HIS A 207 22.29 -13.32 -10.81
N ALA A 208 22.10 -13.70 -12.07
CA ALA A 208 22.86 -14.81 -12.64
C ALA A 208 24.32 -14.49 -12.80
N LEU A 209 24.63 -13.26 -13.21
CA LEU A 209 26.00 -12.86 -13.47
C LEU A 209 26.78 -12.81 -12.14
N GLU A 210 26.14 -12.29 -11.11
CA GLU A 210 26.75 -12.12 -9.81
C GLU A 210 27.08 -13.52 -9.25
N TYR A 211 26.14 -14.45 -9.41
CA TYR A 211 26.42 -15.83 -9.00
C TYR A 211 27.55 -16.47 -9.80
N ALA A 212 27.52 -16.29 -11.11
CA ALA A 212 28.64 -16.82 -11.95
C ALA A 212 29.97 -16.29 -11.42
N CYS A 213 30.03 -15.01 -11.06
CA CYS A 213 31.26 -14.47 -10.49
C CYS A 213 31.62 -15.08 -9.13
N ASN A 214 30.65 -15.22 -8.21
CA ASN A 214 30.91 -15.90 -6.94
C ASN A 214 31.63 -17.25 -7.14
N ILE A 215 31.11 -18.01 -8.09
CA ILE A 215 31.52 -19.35 -8.32
C ILE A 215 32.95 -19.27 -8.91
N GLN A 216 33.19 -18.30 -9.77
CA GLN A 216 34.55 -18.23 -10.45
C GLN A 216 35.70 -17.99 -9.44
N ILE A 217 35.43 -17.10 -8.50
CA ILE A 217 36.43 -16.71 -7.49
C ILE A 217 36.80 -17.95 -6.66
N ALA A 218 35.80 -18.73 -6.24
CA ALA A 218 36.06 -20.04 -5.54
C ALA A 218 36.79 -21.04 -6.44
N ALA A 219 36.28 -21.24 -7.66
CA ALA A 219 36.80 -22.24 -8.62
C ALA A 219 38.28 -22.09 -8.87
N GLN A 220 38.69 -20.82 -9.02
CA GLN A 220 40.04 -20.50 -9.42
C GLN A 220 41.04 -20.37 -8.23
N SER A 221 40.61 -20.69 -7.01
N SER A 221 40.56 -20.69 -7.03
CA SER A 221 41.48 -20.51 -5.83
CA SER A 221 41.36 -20.65 -5.80
C SER A 221 42.86 -21.18 -5.90
C SER A 221 42.81 -21.11 -6.02
N ALA A 222 42.98 -22.26 -6.67
CA ALA A 222 44.32 -22.85 -6.93
C ALA A 222 44.93 -22.43 -8.23
N GLY A 223 44.41 -21.40 -8.88
CA GLY A 223 44.95 -20.96 -10.17
C GLY A 223 44.05 -21.40 -11.31
N ASN A 224 44.05 -20.61 -12.38
CA ASN A 224 43.29 -20.94 -13.58
C ASN A 224 43.75 -22.27 -14.23
N ALA A 225 45.04 -22.61 -14.05
CA ALA A 225 45.57 -23.84 -14.62
C ALA A 225 44.95 -25.14 -14.04
N GLU A 226 44.23 -25.04 -12.92
CA GLU A 226 43.58 -26.23 -12.36
C GLU A 226 42.16 -26.43 -12.92
N LEU A 227 41.70 -25.48 -13.72
CA LEU A 227 40.33 -25.47 -14.18
C LEU A 227 40.08 -26.44 -15.33
N VAL A 228 38.91 -27.06 -15.30
CA VAL A 228 38.42 -27.83 -16.46
C VAL A 228 37.55 -26.93 -17.33
N PHE A 229 37.97 -26.78 -18.59
CA PHE A 229 37.20 -26.05 -19.58
C PHE A 229 36.48 -27.07 -20.46
N PRO A 230 35.13 -27.12 -20.37
CA PRO A 230 34.37 -27.99 -21.28
C PRO A 230 34.68 -27.66 -22.75
N PRO A 231 34.46 -28.62 -23.67
CA PRO A 231 34.86 -28.41 -25.05
C PRO A 231 34.00 -27.31 -25.67
N ARG A 232 34.54 -26.73 -26.74
CA ARG A 232 33.90 -25.61 -27.44
C ARG A 232 32.46 -25.93 -27.88
N GLU A 233 32.24 -27.15 -28.39
N GLU A 233 32.25 -27.15 -28.38
CA GLU A 233 30.92 -27.58 -28.83
CA GLU A 233 30.93 -27.61 -28.84
C GLU A 233 29.91 -27.52 -27.69
C GLU A 233 29.88 -27.68 -27.72
N VAL A 234 30.35 -27.91 -26.50
CA VAL A 234 29.47 -27.90 -25.31
C VAL A 234 29.09 -26.47 -24.93
N ILE A 235 30.06 -25.57 -24.97
CA ILE A 235 29.82 -24.13 -24.75
C ILE A 235 28.79 -23.65 -25.78
N ALA A 236 29.06 -23.97 -27.04
CA ALA A 236 28.15 -23.62 -28.17
C ALA A 236 26.71 -24.10 -27.97
N LYS A 237 26.56 -25.34 -27.54
CA LYS A 237 25.24 -25.90 -27.17
C LYS A 237 24.55 -25.07 -26.09
N VAL A 238 25.27 -24.70 -25.04
CA VAL A 238 24.67 -23.92 -23.97
C VAL A 238 24.24 -22.54 -24.48
N GLU A 239 25.04 -21.99 -25.40
CA GLU A 239 24.75 -20.71 -26.05
C GLU A 239 23.40 -20.81 -26.78
N GLU A 240 23.18 -21.92 -27.47
CA GLU A 240 21.93 -22.14 -28.20
C GLU A 240 20.78 -22.34 -27.21
N GLN A 241 21.01 -23.14 -26.17
CA GLN A 241 20.05 -23.36 -25.08
C GLN A 241 19.62 -22.08 -24.36
N ALA A 242 20.57 -21.14 -24.19
CA ALA A 242 20.27 -19.85 -23.55
C ALA A 242 19.75 -18.80 -24.53
N LYS A 243 20.03 -18.97 -25.83
CA LYS A 243 19.56 -18.08 -26.92
C LYS A 243 18.03 -18.10 -27.08
N ALA A 244 17.44 -19.25 -26.79
CA ALA A 244 16.05 -19.29 -26.40
C ALA A 244 15.97 -18.65 -25.00
N ILE A 245 15.95 -17.32 -24.97
CA ILE A 245 15.78 -16.46 -23.77
C ILE A 245 16.27 -15.03 -24.06
N GLY A 248 14.10 -11.44 -23.23
CA GLY A 248 13.85 -10.90 -21.89
C GLY A 248 12.37 -10.77 -21.53
N ASN A 249 11.52 -11.13 -22.48
CA ASN A 249 10.08 -11.16 -22.25
C ASN A 249 9.53 -12.57 -22.11
N GLY A 250 10.42 -13.56 -22.03
CA GLY A 250 10.05 -14.94 -21.79
C GLY A 250 9.42 -15.22 -20.41
N PRO A 251 8.67 -16.32 -20.29
CA PRO A 251 8.01 -16.71 -19.02
C PRO A 251 8.96 -17.02 -17.85
N GLY A 252 10.22 -17.34 -18.17
CA GLY A 252 11.21 -17.60 -17.14
C GLY A 252 11.61 -16.35 -16.36
N VAL A 253 11.50 -15.18 -16.99
CA VAL A 253 11.80 -13.90 -16.34
C VAL A 253 10.78 -13.61 -15.23
N ALA A 254 9.49 -13.73 -15.57
CA ALA A 254 8.42 -13.48 -14.61
C ALA A 254 8.49 -14.41 -13.41
N ARG A 255 8.78 -15.69 -13.66
CA ARG A 255 8.84 -16.69 -12.58
C ARG A 255 9.97 -16.37 -11.58
N HIS A 256 11.16 -16.09 -12.11
CA HIS A 256 12.33 -15.72 -11.31
C HIS A 256 12.03 -14.48 -10.49
N TRP A 257 11.42 -13.49 -11.12
CA TRP A 257 11.14 -12.22 -10.47
C TRP A 257 10.09 -12.39 -9.37
N ASN A 258 9.05 -13.16 -9.65
CA ASN A 258 7.92 -13.32 -8.70
C ASN A 258 8.37 -13.99 -7.39
N ALA A 259 9.37 -14.86 -7.48
CA ALA A 259 9.95 -15.52 -6.30
C ALA A 259 10.82 -14.52 -5.52
N LEU A 260 11.63 -13.74 -6.22
CA LEU A 260 12.37 -12.65 -5.57
C LEU A 260 11.43 -11.74 -4.77
N ILE A 261 10.30 -11.37 -5.39
CA ILE A 261 9.26 -10.53 -4.71
C ILE A 261 8.66 -11.19 -3.47
N ARG A 262 8.26 -12.45 -3.58
CA ARG A 262 7.75 -13.18 -2.41
C ARG A 262 8.80 -13.19 -1.29
N GLU A 263 10.08 -13.42 -1.64
CA GLU A 263 11.15 -13.42 -0.66
C GLU A 263 11.34 -12.06 -0.02
N LEU A 264 11.39 -11.02 -0.85
CA LEU A 264 11.47 -9.64 -0.39
C LEU A 264 10.33 -9.31 0.59
N GLU A 265 9.08 -9.60 0.23
CA GLU A 265 7.89 -9.27 1.03
C GLU A 265 7.93 -9.89 2.44
N ARG A 266 8.71 -10.96 2.57
CA ARG A 266 9.03 -11.60 3.83
C ARG A 266 9.67 -10.62 4.81
N SER A 267 10.32 -9.57 4.29
CA SER A 267 10.90 -8.50 5.13
C SER A 267 9.96 -7.29 5.31
N GLY A 268 8.71 -7.42 4.86
CA GLY A 268 7.77 -6.29 4.86
C GLY A 268 7.59 -5.61 3.50
N THR A 269 6.54 -4.79 3.40
CA THR A 269 6.09 -4.25 2.11
C THR A 269 6.32 -2.74 1.95
N ASP A 270 7.20 -2.18 2.77
CA ASP A 270 7.53 -0.76 2.71
C ASP A 270 8.02 -0.30 1.34
N TYR A 271 8.69 -1.19 0.61
CA TYR A 271 9.29 -0.83 -0.68
C TYR A 271 8.28 -0.28 -1.69
N ARG A 272 7.02 -0.73 -1.59
CA ARG A 272 6.02 -0.38 -2.58
C ARG A 272 5.10 0.76 -2.17
N ASP A 273 5.35 1.36 -1.01
CA ASP A 273 4.61 2.55 -0.61
C ASP A 273 5.15 3.76 -1.35
N GLY B 21 -6.61 -7.68 -12.85
CA GLY B 21 -6.94 -6.23 -12.71
C GLY B 21 -7.55 -5.94 -11.36
N SER B 22 -6.70 -5.47 -10.44
CA SER B 22 -7.04 -5.15 -9.07
C SER B 22 -8.27 -4.25 -8.92
N VAL B 23 -8.78 -4.19 -7.70
CA VAL B 23 -9.93 -3.33 -7.39
C VAL B 23 -9.59 -1.86 -7.64
N ARG B 24 -8.42 -1.44 -7.19
CA ARG B 24 -7.94 -0.06 -7.36
C ARG B 24 -7.90 0.36 -8.83
N ASP B 25 -7.47 -0.56 -9.71
CA ASP B 25 -7.36 -0.31 -11.15
C ASP B 25 -8.69 0.01 -11.86
N ARG B 26 -9.78 -0.58 -11.36
CA ARG B 26 -11.07 -0.47 -12.06
C ARG B 26 -12.03 0.50 -11.39
N VAL B 27 -11.62 1.03 -10.24
CA VAL B 27 -12.40 1.93 -9.45
C VAL B 27 -11.89 3.39 -9.53
N SER B 28 -12.80 4.36 -9.37
CA SER B 28 -12.43 5.77 -9.38
C SER B 28 -11.52 6.14 -8.20
N PRO B 29 -10.63 7.14 -8.40
CA PRO B 29 -9.80 7.66 -7.31
C PRO B 29 -10.61 8.03 -6.06
N GLN B 30 -11.73 8.73 -6.24
N GLN B 30 -11.72 8.74 -6.29
CA GLN B 30 -12.55 9.13 -5.08
CA GLN B 30 -12.64 9.15 -5.22
C GLN B 30 -13.24 7.97 -4.38
C GLN B 30 -13.14 7.96 -4.40
N GLU B 31 -13.46 6.87 -5.10
CA GLU B 31 -13.97 5.67 -4.45
C GLU B 31 -12.86 5.03 -3.65
N TRP B 32 -11.66 4.95 -4.24
CA TRP B 32 -10.49 4.45 -3.54
C TRP B 32 -10.19 5.17 -2.19
N GLU B 33 -10.30 6.50 -2.15
CA GLU B 33 -10.11 7.26 -0.90
C GLU B 33 -11.04 6.81 0.22
N VAL B 34 -12.29 6.54 -0.12
CA VAL B 34 -13.28 6.18 0.89
C VAL B 34 -13.07 4.74 1.28
N ARG B 35 -12.68 3.92 0.31
CA ARG B 35 -12.30 2.53 0.58
C ARG B 35 -11.20 2.43 1.66
N VAL B 36 -10.16 3.24 1.51
CA VAL B 36 -9.03 3.26 2.47
C VAL B 36 -9.44 3.80 3.85
N LYS B 37 -10.16 4.92 3.86
CA LYS B 37 -10.73 5.45 5.12
C LYS B 37 -11.68 4.46 5.82
N LEU B 38 -12.54 3.79 5.07
CA LEU B 38 -13.46 2.87 5.70
C LEU B 38 -12.73 1.64 6.22
N ALA B 39 -11.72 1.17 5.48
CA ALA B 39 -10.89 0.09 5.95
C ALA B 39 -10.22 0.47 7.27
N ALA B 40 -9.67 1.67 7.36
CA ALA B 40 -9.02 2.16 8.56
C ALA B 40 -10.05 2.17 9.70
N ALA B 41 -11.25 2.59 9.39
CA ALA B 41 -12.31 2.65 10.42
C ALA B 41 -12.58 1.25 10.99
N TYR B 42 -12.60 0.23 10.13
CA TYR B 42 -12.74 -1.17 10.58
C TYR B 42 -11.59 -1.62 11.49
N ARG B 43 -10.34 -1.40 11.05
N ARG B 43 -10.34 -1.40 11.05
CA ARG B 43 -9.18 -1.75 11.87
CA ARG B 43 -9.19 -1.79 11.86
C ARG B 43 -9.16 -0.97 13.18
C ARG B 43 -9.06 -0.94 13.14
N LEU B 44 -9.59 0.28 13.12
CA LEU B 44 -9.57 1.12 14.31
C LEU B 44 -10.57 0.55 15.32
N ALA B 45 -11.74 0.14 14.83
CA ALA B 45 -12.74 -0.50 15.72
C ALA B 45 -12.17 -1.81 16.36
N ALA B 46 -11.39 -2.59 15.59
CA ALA B 46 -10.70 -3.76 16.15
C ALA B 46 -9.70 -3.37 17.23
N LEU B 47 -8.85 -2.38 16.93
CA LEU B 47 -7.84 -1.93 17.89
C LEU B 47 -8.47 -1.42 19.19
N LYS B 48 -9.57 -0.69 19.05
CA LYS B 48 -10.24 -0.08 20.20
C LYS B 48 -11.27 -1.00 20.83
N ARG B 49 -11.39 -2.22 20.30
CA ARG B 49 -12.32 -3.26 20.82
C ARG B 49 -13.80 -2.91 20.73
N TRP B 50 -14.20 -2.29 19.61
CA TRP B 50 -15.61 -1.98 19.43
C TRP B 50 -16.30 -3.06 18.60
N THR B 51 -15.65 -4.23 18.48
CA THR B 51 -16.11 -5.29 17.61
C THR B 51 -16.93 -6.35 18.35
N ASP B 52 -17.67 -7.14 17.57
CA ASP B 52 -18.38 -8.31 18.08
C ASP B 52 -18.13 -9.45 17.07
N HIS B 53 -16.92 -10.00 17.14
CA HIS B 53 -16.52 -11.11 16.27
C HIS B 53 -16.76 -10.65 14.83
N ILE B 54 -17.63 -11.33 14.08
CA ILE B 54 -17.82 -11.00 12.65
C ILE B 54 -19.11 -10.23 12.36
N TYR B 55 -19.84 -9.85 13.41
N TYR B 55 -19.80 -9.82 13.42
CA TYR B 55 -21.23 -9.40 13.27
CA TYR B 55 -21.10 -9.15 13.30
C TYR B 55 -21.48 -7.90 13.35
C TYR B 55 -20.98 -7.62 13.45
N THR B 56 -20.43 -7.09 13.24
N THR B 56 -22.09 -6.92 13.16
CA THR B 56 -20.61 -5.64 13.24
CA THR B 56 -22.14 -5.46 13.04
C THR B 56 -20.53 -5.10 11.82
C THR B 56 -21.41 -5.03 11.76
N HIS B 57 -21.10 -3.91 11.57
N HIS B 57 -21.69 -3.82 11.30
CA HIS B 57 -21.12 -3.36 10.21
CA HIS B 57 -21.11 -3.33 10.05
C HIS B 57 -20.92 -1.84 10.07
C HIS B 57 -20.93 -1.84 10.03
N PHE B 58 -19.95 -1.44 9.24
CA PHE B 58 -19.70 -0.02 8.94
C PHE B 58 -19.90 0.19 7.45
N SER B 59 -20.64 1.24 7.09
CA SER B 59 -20.80 1.58 5.67
C SER B 59 -20.36 2.99 5.31
N ALA B 60 -20.08 3.21 4.02
CA ALA B 60 -19.76 4.54 3.50
C ALA B 60 -20.31 4.71 2.08
N ARG B 61 -20.85 5.88 1.81
CA ARG B 61 -21.30 6.20 0.44
C ARG B 61 -20.13 6.28 -0.52
N VAL B 62 -20.25 5.62 -1.67
CA VAL B 62 -19.29 5.81 -2.76
C VAL B 62 -19.67 7.11 -3.49
N PRO B 63 -18.73 8.07 -3.57
CA PRO B 63 -19.07 9.32 -4.27
C PRO B 63 -19.27 9.10 -5.76
N GLY B 64 -20.23 9.80 -6.33
CA GLY B 64 -20.49 9.71 -7.77
C GLY B 64 -21.97 9.59 -8.10
N PRO B 65 -22.28 9.40 -9.40
CA PRO B 65 -23.65 9.33 -9.93
C PRO B 65 -24.48 8.24 -9.27
N ASP B 66 -23.85 7.11 -8.94
CA ASP B 66 -24.57 5.94 -8.43
C ASP B 66 -24.75 5.94 -6.93
N GLU B 67 -25.96 5.56 -6.50
N GLU B 67 -25.95 5.56 -6.48
CA GLU B 67 -26.26 5.31 -5.09
CA GLU B 67 -26.20 5.39 -5.05
C GLU B 67 -25.61 4.00 -4.65
C GLU B 67 -25.61 4.06 -4.60
N HIS B 68 -24.28 3.99 -4.59
CA HIS B 68 -23.53 2.79 -4.22
C HIS B 68 -22.84 2.97 -2.86
N PHE B 69 -22.70 1.87 -2.12
CA PHE B 69 -22.13 1.90 -0.77
C PHE B 69 -21.21 0.75 -0.50
N LEU B 70 -20.24 0.99 0.37
CA LEU B 70 -19.24 -0.01 0.74
C LEU B 70 -19.58 -0.59 2.09
N ILE B 71 -19.36 -1.89 2.20
CA ILE B 71 -19.63 -2.62 3.44
C ILE B 71 -18.66 -3.79 3.51
N ASN B 72 -18.58 -4.43 4.68
CA ASN B 72 -17.70 -5.60 4.88
C ASN B 72 -18.18 -6.87 4.19
N ALA B 73 -17.23 -7.68 3.70
CA ALA B 73 -17.50 -9.08 3.34
C ALA B 73 -17.86 -9.87 4.60
N PHE B 74 -19.00 -10.56 4.57
CA PHE B 74 -19.57 -11.13 5.80
C PHE B 74 -18.88 -12.43 6.16
N GLY B 75 -18.22 -12.46 7.31
CA GLY B 75 -17.37 -13.60 7.68
C GLY B 75 -15.90 -13.25 7.88
N LEU B 76 -15.50 -12.02 7.56
CA LEU B 76 -14.15 -11.52 7.85
C LEU B 76 -14.11 -10.80 9.19
N LEU B 77 -13.04 -10.98 9.96
CA LEU B 77 -12.82 -10.17 11.15
C LEU B 77 -12.55 -8.69 10.79
N PHE B 78 -12.91 -7.77 11.67
CA PHE B 78 -12.65 -6.35 11.37
C PHE B 78 -11.18 -6.10 11.08
N ASP B 79 -10.29 -6.86 11.73
CA ASP B 79 -8.87 -6.67 11.44
C ASP B 79 -8.39 -7.42 10.21
N GLU B 80 -9.34 -7.90 9.42
CA GLU B 80 -8.96 -8.45 8.11
C GLU B 80 -9.47 -7.57 6.97
N ILE B 81 -10.26 -6.55 7.29
CA ILE B 81 -10.79 -5.67 6.24
C ILE B 81 -9.65 -4.91 5.55
N THR B 82 -9.70 -4.82 4.23
CA THR B 82 -8.80 -3.93 3.48
C THR B 82 -9.59 -3.04 2.53
N ALA B 83 -8.95 -1.99 2.04
CA ALA B 83 -9.54 -1.15 0.99
C ALA B 83 -10.01 -2.01 -0.19
N SER B 84 -9.19 -3.01 -0.55
CA SER B 84 -9.41 -3.88 -1.70
C SER B 84 -10.48 -4.93 -1.50
N ASN B 85 -10.80 -5.27 -0.25
CA ASN B 85 -11.74 -6.36 -0.05
C ASN B 85 -13.14 -5.94 0.43
N LEU B 86 -13.36 -4.63 0.60
CA LEU B 86 -14.72 -4.14 0.91
C LEU B 86 -15.64 -4.48 -0.27
N VAL B 87 -16.93 -4.63 0.02
CA VAL B 87 -17.89 -5.00 -1.02
C VAL B 87 -18.71 -3.75 -1.35
N LYS B 88 -18.88 -3.49 -2.64
CA LYS B 88 -19.71 -2.41 -3.11
C LYS B 88 -21.08 -2.95 -3.45
N VAL B 89 -22.10 -2.20 -3.03
CA VAL B 89 -23.45 -2.69 -2.96
C VAL B 89 -24.40 -1.55 -3.34
N ASP B 90 -25.50 -1.88 -4.02
CA ASP B 90 -26.53 -0.89 -4.39
C ASP B 90 -27.39 -0.63 -3.19
N ILE B 91 -28.14 0.47 -3.19
CA ILE B 91 -29.00 0.83 -2.05
C ILE B 91 -29.98 -0.27 -1.63
N ASP B 92 -30.39 -1.12 -2.57
N ASP B 92 -30.38 -1.09 -2.60
CA ASP B 92 -31.28 -2.23 -2.24
CA ASP B 92 -31.25 -2.25 -2.37
C ASP B 92 -30.55 -3.32 -1.45
C ASP B 92 -30.43 -3.53 -2.25
N GLY B 93 -29.24 -3.42 -1.67
CA GLY B 93 -28.44 -4.55 -1.20
C GLY B 93 -27.79 -5.43 -2.26
N THR B 94 -28.25 -5.30 -3.50
N THR B 94 -28.24 -5.28 -3.50
CA THR B 94 -27.68 -6.05 -4.61
CA THR B 94 -27.68 -6.02 -4.63
C THR B 94 -26.18 -5.80 -4.74
C THR B 94 -26.17 -5.80 -4.73
N ILE B 95 -25.42 -6.89 -4.82
CA ILE B 95 -23.97 -6.85 -4.97
C ILE B 95 -23.63 -6.17 -6.30
N VAL B 96 -22.83 -5.11 -6.25
CA VAL B 96 -22.28 -4.50 -7.45
C VAL B 96 -20.89 -5.07 -7.71
N ASP B 97 -20.13 -5.25 -6.62
CA ASP B 97 -18.73 -5.64 -6.70
C ASP B 97 -18.23 -6.33 -5.42
N ASP B 98 -18.06 -7.65 -5.49
CA ASP B 98 -17.55 -8.46 -4.39
C ASP B 98 -16.26 -9.20 -4.80
N PRO B 99 -15.10 -8.65 -4.42
CA PRO B 99 -13.84 -9.30 -4.77
C PRO B 99 -13.61 -10.60 -3.99
N THR B 100 -14.29 -10.76 -2.87
CA THR B 100 -14.07 -11.93 -2.02
C THR B 100 -15.03 -13.11 -2.28
N GLY B 101 -16.17 -12.82 -2.92
CA GLY B 101 -17.20 -13.83 -3.14
C GLY B 101 -18.04 -14.21 -1.92
N LEU B 102 -17.69 -13.67 -0.74
CA LEU B 102 -18.33 -14.05 0.53
C LEU B 102 -19.73 -13.47 0.74
N GLY B 103 -20.02 -12.37 0.06
CA GLY B 103 -21.31 -11.69 0.21
C GLY B 103 -21.36 -10.74 1.38
N ILE B 104 -22.57 -10.39 1.81
CA ILE B 104 -22.74 -9.39 2.85
C ILE B 104 -23.74 -9.88 3.92
N ASN B 105 -23.76 -9.21 5.06
CA ASN B 105 -24.75 -9.51 6.07
C ASN B 105 -25.99 -8.72 5.67
N TYR B 106 -26.83 -9.34 4.84
CA TYR B 106 -27.91 -8.58 4.22
C TYR B 106 -28.85 -8.01 5.31
N ALA B 107 -29.25 -8.86 6.25
CA ALA B 107 -30.05 -8.42 7.39
C ALA B 107 -29.33 -7.31 8.15
N GLY B 108 -28.00 -7.34 8.07
CA GLY B 108 -27.18 -6.28 8.63
C GLY B 108 -27.12 -5.02 7.77
N TYR B 109 -27.31 -5.17 6.45
CA TYR B 109 -27.39 -4.04 5.55
C TYR B 109 -28.75 -3.34 5.55
N VAL B 110 -29.77 -4.01 6.07
CA VAL B 110 -31.07 -3.35 6.22
C VAL B 110 -30.97 -1.96 6.86
N ILE B 111 -30.30 -1.84 8.00
N ILE B 111 -30.31 -1.83 8.01
CA ILE B 111 -30.22 -0.56 8.72
CA ILE B 111 -30.26 -0.53 8.72
C ILE B 111 -29.52 0.51 7.91
C ILE B 111 -29.50 0.53 7.94
N HIS B 112 -28.40 0.12 7.31
CA HIS B 112 -27.57 1.00 6.52
C HIS B 112 -28.27 1.53 5.31
N SER B 113 -28.94 0.65 4.58
CA SER B 113 -29.78 1.00 3.44
C SER B 113 -30.82 2.06 3.86
N ALA B 114 -31.45 1.84 5.00
CA ALA B 114 -32.54 2.72 5.41
C ALA B 114 -32.01 4.14 5.58
N ILE B 115 -30.91 4.28 6.31
N ILE B 115 -30.90 4.27 6.31
CA ILE B 115 -30.34 5.58 6.64
CA ILE B 115 -30.34 5.57 6.67
C ILE B 115 -29.77 6.26 5.41
C ILE B 115 -29.66 6.28 5.49
N HIS B 116 -28.92 5.54 4.66
CA HIS B 116 -28.30 6.12 3.48
C HIS B 116 -29.34 6.63 2.48
N ALA B 117 -30.42 5.88 2.27
CA ALA B 117 -31.45 6.30 1.32
C ALA B 117 -32.19 7.57 1.76
N ALA B 118 -32.40 7.72 3.08
CA ALA B 118 -33.17 8.85 3.60
C ALA B 118 -32.31 10.07 4.00
N ARG B 119 -31.00 9.87 4.12
CA ARG B 119 -30.10 10.90 4.65
C ARG B 119 -28.83 10.96 3.84
N HIS B 120 -28.91 11.66 2.70
CA HIS B 120 -27.78 11.73 1.77
C HIS B 120 -26.60 12.51 2.34
N ASP B 121 -26.84 13.28 3.40
CA ASP B 121 -25.76 13.98 4.09
C ASP B 121 -24.86 13.06 4.93
N LEU B 122 -25.38 11.90 5.35
CA LEU B 122 -24.61 10.94 6.14
C LEU B 122 -23.86 9.98 5.23
N GLN B 123 -22.60 10.31 4.96
CA GLN B 123 -21.73 9.55 4.06
C GLN B 123 -21.16 8.26 4.66
N ALA B 124 -21.20 8.16 6.00
CA ALA B 124 -20.75 6.97 6.75
C ALA B 124 -21.77 6.65 7.85
N VAL B 125 -22.03 5.36 8.06
CA VAL B 125 -22.96 4.87 9.07
C VAL B 125 -22.27 3.70 9.77
N LEU B 126 -22.13 3.80 11.08
CA LEU B 126 -21.36 2.82 11.85
C LEU B 126 -22.26 2.19 12.87
N HIS B 127 -22.33 0.86 12.89
CA HIS B 127 -23.15 0.22 13.93
C HIS B 127 -22.24 -0.61 14.84
N THR B 128 -22.32 -0.41 16.15
CA THR B 128 -21.55 -1.24 17.09
C THR B 128 -22.42 -1.98 18.13
N HIS B 129 -21.85 -3.07 18.63
CA HIS B 129 -22.43 -3.91 19.65
C HIS B 129 -21.48 -4.09 20.81
N THR B 130 -21.07 -3.03 21.49
CA THR B 130 -20.10 -3.19 22.59
C THR B 130 -20.77 -3.46 23.89
N ARG B 131 -20.00 -3.99 24.85
CA ARG B 131 -20.53 -4.28 26.16
C ARG B 131 -21.26 -3.07 26.76
N ASP B 132 -20.58 -1.93 26.85
CA ASP B 132 -21.20 -0.77 27.49
C ASP B 132 -22.21 -0.03 26.58
N GLY B 133 -22.00 -0.10 25.28
CA GLY B 133 -23.00 0.45 24.33
C GLY B 133 -24.34 -0.22 24.49
N ILE B 134 -24.34 -1.54 24.41
CA ILE B 134 -25.59 -2.30 24.65
C ILE B 134 -26.12 -2.03 26.06
N ALA B 135 -25.22 -1.99 27.06
CA ALA B 135 -25.65 -1.74 28.43
C ALA B 135 -26.44 -0.47 28.54
N VAL B 136 -25.86 0.64 28.04
CA VAL B 136 -26.59 1.91 28.05
C VAL B 136 -27.89 1.79 27.23
N SER B 137 -27.83 1.11 26.09
CA SER B 137 -29.07 0.90 25.33
C SER B 137 -30.20 0.14 26.06
N ALA B 138 -29.91 -0.58 27.15
CA ALA B 138 -30.90 -1.37 27.82
C ALA B 138 -31.39 -0.66 29.08
N GLN B 139 -31.00 0.61 29.25
CA GLN B 139 -31.43 1.36 30.45
C GLN B 139 -32.52 2.36 30.15
N LYS B 140 -33.45 2.47 31.09
CA LYS B 140 -34.61 3.36 30.97
C LYS B 140 -34.25 4.80 30.53
N ASP B 141 -33.31 5.42 31.22
CA ASP B 141 -32.99 6.79 30.90
C ASP B 141 -31.85 6.91 29.89
N GLY B 142 -31.43 5.77 29.36
CA GLY B 142 -30.38 5.78 28.32
C GLY B 142 -29.18 6.62 28.70
N LEU B 143 -28.69 7.44 27.77
CA LEU B 143 -27.40 8.12 28.01
C LEU B 143 -27.60 9.37 28.87
N LEU B 144 -27.03 9.36 30.06
CA LEU B 144 -27.21 10.42 31.07
C LEU B 144 -26.21 11.58 30.87
N PRO B 145 -26.51 12.78 31.38
CA PRO B 145 -25.63 13.96 31.25
C PRO B 145 -24.52 14.00 32.34
N ILE B 146 -23.63 13.02 32.27
CA ILE B 146 -22.74 12.66 33.35
C ILE B 146 -21.35 13.29 33.17
N SER B 147 -20.90 13.33 31.93
CA SER B 147 -19.54 13.67 31.59
C SER B 147 -19.56 14.69 30.46
N GLN B 148 -18.46 15.40 30.30
N GLN B 148 -18.45 15.38 30.26
CA GLN B 148 -18.23 16.20 29.12
CA GLN B 148 -18.28 16.24 29.10
C GLN B 148 -18.62 15.40 27.87
C GLN B 148 -18.59 15.41 27.84
N HIS B 149 -18.21 14.13 27.86
CA HIS B 149 -18.38 13.27 26.70
C HIS B 149 -19.85 13.04 26.40
N SER B 150 -20.62 12.65 27.40
CA SER B 150 -22.04 12.44 27.24
C SER B 150 -22.83 13.73 26.95
N ILE B 151 -22.49 14.80 27.65
CA ILE B 151 -23.21 16.05 27.55
C ILE B 151 -23.13 16.63 26.13
N ALA B 152 -22.00 16.42 25.45
CA ALA B 152 -21.88 16.81 24.05
C ALA B 152 -22.94 16.16 23.14
N PHE B 153 -23.49 15.02 23.57
CA PHE B 153 -24.60 14.37 22.85
C PHE B 153 -26.00 14.80 23.31
N SER B 154 -26.05 15.73 24.25
CA SER B 154 -27.34 16.08 24.82
C SER B 154 -28.29 16.58 23.73
N GLY B 155 -29.46 15.98 23.68
CA GLY B 155 -30.47 16.33 22.65
C GLY B 155 -30.09 16.00 21.22
N ARG B 156 -28.99 15.27 21.02
CA ARG B 156 -28.58 14.81 19.68
C ARG B 156 -28.75 13.29 19.47
N VAL B 157 -29.43 12.62 20.39
CA VAL B 157 -29.45 11.15 20.37
C VAL B 157 -30.87 10.66 20.13
N ALA B 158 -31.06 9.96 19.01
CA ALA B 158 -32.34 9.29 18.73
C ALA B 158 -32.37 7.90 19.42
N TYR B 159 -33.57 7.41 19.72
CA TYR B 159 -33.77 6.07 20.28
C TYR B 159 -34.71 5.26 19.36
N HIS B 160 -34.43 3.96 19.23
CA HIS B 160 -35.22 3.04 18.39
C HIS B 160 -35.53 1.78 19.19
N GLY B 161 -36.81 1.51 19.40
CA GLY B 161 -37.28 0.30 20.10
C GLY B 161 -36.88 -1.00 19.40
N TYR B 162 -36.48 -1.99 20.18
CA TYR B 162 -36.04 -3.27 19.66
C TYR B 162 -37.19 -4.03 19.02
N GLU B 163 -36.98 -4.52 17.81
CA GLU B 163 -38.02 -5.29 17.12
C GLU B 163 -37.69 -6.77 16.90
N GLY B 164 -36.51 -7.19 17.28
CA GLY B 164 -36.11 -8.56 17.05
C GLY B 164 -35.20 -8.63 15.85
N ILE B 165 -35.01 -9.85 15.35
CA ILE B 165 -34.04 -10.10 14.28
C ILE B 165 -34.67 -10.37 12.92
N ALA B 166 -35.97 -10.69 12.91
CA ALA B 166 -36.66 -11.04 11.67
C ALA B 166 -36.55 -9.90 10.64
N LEU B 167 -36.28 -10.25 9.39
CA LEU B 167 -36.21 -9.25 8.33
C LEU B 167 -37.59 -8.61 8.16
N ASP B 168 -37.66 -7.31 8.39
CA ASP B 168 -38.93 -6.59 8.20
C ASP B 168 -38.60 -5.27 7.55
N LEU B 169 -38.87 -5.18 6.26
CA LEU B 169 -38.46 -3.99 5.53
C LEU B 169 -39.22 -2.74 5.97
N SER B 170 -40.40 -2.90 6.56
CA SER B 170 -41.12 -1.76 7.14
C SER B 170 -40.36 -1.10 8.32
N GLU B 171 -39.41 -1.83 8.91
CA GLU B 171 -38.53 -1.25 9.94
C GLU B 171 -37.64 -0.14 9.39
N ARG B 172 -37.37 -0.17 8.08
N ARG B 172 -37.37 -0.15 8.09
CA ARG B 172 -36.63 0.91 7.41
CA ARG B 172 -36.62 0.94 7.47
C ARG B 172 -37.28 2.28 7.64
C ARG B 172 -37.29 2.28 7.73
N GLU B 173 -38.60 2.33 7.51
CA GLU B 173 -39.37 3.55 7.80
C GLU B 173 -39.38 3.96 9.27
N ARG B 174 -39.45 2.98 10.18
CA ARG B 174 -39.40 3.27 11.64
C ARG B 174 -38.04 3.78 12.10
N LEU B 175 -36.98 3.20 11.53
CA LEU B 175 -35.62 3.64 11.78
C LEU B 175 -35.38 5.10 11.35
N VAL B 176 -35.81 5.42 10.13
CA VAL B 176 -35.73 6.78 9.57
C VAL B 176 -36.55 7.76 10.41
N ALA B 177 -37.76 7.33 10.78
CA ALA B 177 -38.65 8.22 11.55
C ALA B 177 -38.01 8.54 12.91
N ASP B 178 -37.48 7.51 13.56
CA ASP B 178 -36.87 7.64 14.87
C ASP B 178 -35.61 8.51 14.81
N LEU B 179 -34.78 8.27 13.79
CA LEU B 179 -33.55 9.04 13.64
C LEU B 179 -33.85 10.54 13.44
N GLY B 180 -34.84 10.83 12.60
CA GLY B 180 -35.20 12.21 12.27
C GLY B 180 -33.99 12.94 11.73
N ASP B 181 -33.74 14.08 12.40
N ASP B 181 -33.70 14.11 12.29
CA ASP B 181 -32.72 15.08 12.10
CA ASP B 181 -32.59 14.91 11.78
C ASP B 181 -31.33 14.74 12.63
C ASP B 181 -31.33 14.77 12.65
N LYS B 182 -31.25 13.70 13.44
CA LYS B 182 -30.10 13.43 14.27
C LYS B 182 -29.08 12.59 13.51
N SER B 183 -27.90 12.41 14.10
N SER B 183 -27.90 12.41 14.09
CA SER B 183 -26.84 11.59 13.47
CA SER B 183 -26.87 11.57 13.47
C SER B 183 -26.37 10.47 14.39
C SER B 183 -26.30 10.56 14.45
N VAL B 184 -27.01 10.35 15.56
CA VAL B 184 -26.62 9.33 16.53
C VAL B 184 -27.90 8.67 17.02
N ILE B 186 -29.40 5.36 19.56
CA ILE B 186 -29.23 4.24 20.46
C ILE B 186 -30.34 3.24 20.09
N LEU B 187 -29.93 2.04 19.72
CA LEU B 187 -30.88 0.97 19.39
C LEU B 187 -31.15 0.19 20.67
N ARG B 188 -32.32 0.39 21.27
CA ARG B 188 -32.65 -0.31 22.51
C ARG B 188 -32.33 -1.79 22.46
N ASN B 189 -31.69 -2.26 23.53
CA ASN B 189 -31.35 -3.67 23.70
C ASN B 189 -30.48 -4.17 22.56
N HIS B 190 -29.77 -3.27 21.91
CA HIS B 190 -29.13 -3.73 20.67
C HIS B 190 -27.78 -3.12 20.46
N GLY B 191 -27.63 -1.84 20.80
CA GLY B 191 -26.33 -1.16 20.71
C GLY B 191 -26.42 0.23 20.10
N LEU B 192 -25.40 0.61 19.33
CA LEU B 192 -25.23 2.03 18.95
C LEU B 192 -25.13 2.26 17.46
N LEU B 193 -25.72 3.35 16.98
N LEU B 193 -25.71 3.34 16.95
CA LEU B 193 -25.56 3.79 15.59
CA LEU B 193 -25.47 3.72 15.55
C LEU B 193 -24.98 5.21 15.54
C LEU B 193 -25.05 5.19 15.43
N THR B 194 -23.92 5.44 14.77
CA THR B 194 -23.47 6.81 14.54
C THR B 194 -23.27 7.10 13.06
N GLY B 195 -23.75 8.26 12.62
CA GLY B 195 -23.53 8.71 11.26
C GLY B 195 -22.58 9.90 11.22
N GLY B 196 -22.02 10.19 10.06
CA GLY B 196 -21.18 11.38 9.91
C GLY B 196 -21.22 11.90 8.51
N VAL B 197 -20.71 13.11 8.30
CA VAL B 197 -20.59 13.69 6.98
C VAL B 197 -19.40 13.06 6.26
N SER B 198 -18.66 12.23 6.98
CA SER B 198 -17.46 11.57 6.44
C SER B 198 -17.14 10.43 7.38
N VAL B 199 -16.30 9.51 6.93
CA VAL B 199 -15.83 8.41 7.76
C VAL B 199 -15.22 8.98 9.04
N GLU B 200 -14.34 10.00 8.89
CA GLU B 200 -13.63 10.60 10.01
C GLU B 200 -14.63 11.14 11.02
N HIS B 201 -15.63 11.85 10.52
CA HIS B 201 -16.66 12.40 11.40
C HIS B 201 -17.40 11.33 12.19
N ALA B 202 -17.89 10.30 11.52
CA ALA B 202 -18.64 9.22 12.20
C ALA B 202 -17.78 8.51 13.24
N ILE B 203 -16.52 8.25 12.90
CA ILE B 203 -15.59 7.67 13.82
C ILE B 203 -15.32 8.53 15.06
N GLN B 204 -15.20 9.86 14.89
CA GLN B 204 -14.91 10.69 16.05
C GLN B 204 -16.15 10.68 16.93
N GLN B 205 -17.34 10.62 16.32
CA GLN B 205 -18.57 10.59 17.12
C GLN B 205 -18.70 9.25 17.86
N LEU B 206 -18.38 8.15 17.18
CA LEU B 206 -18.36 6.79 17.77
C LEU B 206 -17.37 6.71 18.96
N HIS B 207 -16.14 7.17 18.74
CA HIS B 207 -15.09 7.19 19.79
C HIS B 207 -15.63 7.86 21.07
N ALA B 208 -16.17 9.07 20.89
CA ALA B 208 -16.77 9.85 21.98
C ALA B 208 -17.95 9.16 22.65
N LEU B 209 -18.83 8.57 21.84
CA LEU B 209 -20.03 7.91 22.35
C LEU B 209 -19.67 6.62 23.16
N GLU B 210 -18.72 5.85 22.67
CA GLU B 210 -18.36 4.59 23.34
C GLU B 210 -17.72 4.91 24.66
N TYR B 211 -16.92 5.99 24.71
CA TYR B 211 -16.27 6.39 25.96
C TYR B 211 -17.31 6.92 26.94
N ALA B 212 -18.28 7.67 26.44
CA ALA B 212 -19.37 8.14 27.30
C ALA B 212 -20.11 6.99 27.96
N CYS B 213 -20.41 5.95 27.19
CA CYS B 213 -21.02 4.72 27.72
C CYS B 213 -20.13 4.01 28.78
N ASN B 214 -18.84 3.86 28.49
CA ASN B 214 -17.88 3.31 29.44
C ASN B 214 -17.93 4.07 30.77
N ILE B 215 -17.93 5.39 30.69
CA ILE B 215 -17.95 6.24 31.89
C ILE B 215 -19.26 6.04 32.63
N GLN B 216 -20.34 5.90 31.87
CA GLN B 216 -21.69 5.84 32.52
C GLN B 216 -21.81 4.60 33.39
N ILE B 217 -21.32 3.47 32.87
CA ILE B 217 -21.41 2.20 33.59
C ILE B 217 -20.66 2.25 34.94
N ALA B 218 -19.47 2.82 34.93
CA ALA B 218 -18.71 3.07 36.15
C ALA B 218 -19.41 4.07 37.10
N ALA B 219 -19.82 5.24 36.59
CA ALA B 219 -20.35 6.33 37.44
C ALA B 219 -21.60 5.89 38.22
N GLN B 220 -22.39 5.05 37.58
CA GLN B 220 -23.71 4.65 38.11
C GLN B 220 -23.60 3.37 38.99
N SER B 221 -22.38 2.91 39.27
N SER B 221 -22.37 2.91 39.23
CA SER B 221 -22.16 1.65 40.04
CA SER B 221 -22.14 1.69 40.03
C SER B 221 -22.87 1.55 41.42
C SER B 221 -23.03 1.60 41.30
N ALA B 222 -23.13 2.69 42.03
CA ALA B 222 -23.87 2.72 43.31
C ALA B 222 -25.33 3.11 43.13
N GLY B 223 -25.81 3.20 41.89
CA GLY B 223 -27.19 3.65 41.62
C GLY B 223 -27.17 5.01 40.94
N ASN B 224 -28.14 5.24 40.06
CA ASN B 224 -28.35 6.55 39.45
C ASN B 224 -28.68 7.65 40.49
N ALA B 225 -29.30 7.29 41.62
CA ALA B 225 -29.55 8.25 42.70
C ALA B 225 -28.26 8.84 43.35
N GLU B 226 -27.08 8.26 43.11
CA GLU B 226 -25.84 8.86 43.62
C GLU B 226 -25.22 9.87 42.65
N LEU B 227 -25.82 10.01 41.46
CA LEU B 227 -25.21 10.88 40.47
C LEU B 227 -25.57 12.33 40.70
N VAL B 228 -24.63 13.20 40.36
N VAL B 228 -24.64 13.21 40.32
CA VAL B 228 -24.94 14.62 40.24
CA VAL B 228 -24.93 14.64 40.29
C VAL B 228 -24.72 15.05 38.80
C VAL B 228 -24.64 15.19 38.89
N PHE B 229 -25.60 15.91 38.32
CA PHE B 229 -25.48 16.42 36.95
C PHE B 229 -25.13 17.89 36.94
N PRO B 230 -24.58 18.41 35.81
CA PRO B 230 -24.39 19.87 35.79
C PRO B 230 -25.74 20.62 35.80
N PRO B 231 -25.74 21.94 36.08
CA PRO B 231 -26.99 22.68 35.98
C PRO B 231 -27.66 22.49 34.61
N ARG B 232 -28.98 22.51 34.60
N ARG B 232 -28.99 22.51 34.61
CA ARG B 232 -29.76 22.34 33.38
CA ARG B 232 -29.78 22.38 33.37
C ARG B 232 -29.32 23.31 32.27
C ARG B 232 -29.29 23.31 32.27
N GLU B 233 -29.03 24.56 32.63
CA GLU B 233 -28.64 25.58 31.64
C GLU B 233 -27.27 25.31 31.00
N VAL B 234 -26.38 24.64 31.73
CA VAL B 234 -25.09 24.21 31.18
C VAL B 234 -25.33 23.13 30.12
N ILE B 235 -26.21 22.17 30.44
CA ILE B 235 -26.56 21.13 29.49
C ILE B 235 -27.21 21.76 28.24
N ALA B 236 -28.23 22.58 28.47
CA ALA B 236 -28.94 23.31 27.41
C ALA B 236 -28.04 24.12 26.47
N LYS B 237 -27.02 24.77 27.01
CA LYS B 237 -26.12 25.59 26.20
C LYS B 237 -25.16 24.79 25.30
N VAL B 238 -24.85 23.55 25.69
CA VAL B 238 -24.00 22.71 24.85
C VAL B 238 -24.78 22.17 23.65
N GLU B 239 -26.08 21.98 23.82
CA GLU B 239 -26.93 21.54 22.71
C GLU B 239 -27.50 22.72 21.91
N GLU B 240 -26.91 23.90 22.12
CA GLU B 240 -27.14 25.06 21.25
C GLU B 240 -25.97 25.17 20.28
N GLN B 241 -24.79 24.71 20.71
CA GLN B 241 -23.62 24.59 19.82
C GLN B 241 -23.80 23.46 18.80
N ALA B 242 -24.78 23.64 17.91
CA ALA B 242 -25.14 22.68 16.88
C ALA B 242 -25.17 23.36 15.51
N GLY B 248 -18.69 18.19 11.41
CA GLY B 248 -17.85 17.15 10.85
C GLY B 248 -16.82 17.58 9.83
N ASN B 249 -16.82 18.87 9.50
CA ASN B 249 -15.85 19.47 8.58
C ASN B 249 -14.61 20.05 9.28
N GLY B 250 -14.80 20.51 10.52
CA GLY B 250 -13.80 21.28 11.28
C GLY B 250 -12.36 20.75 11.34
N PRO B 251 -11.44 21.55 11.91
CA PRO B 251 -10.04 21.11 12.09
C PRO B 251 -9.88 20.07 13.21
N GLY B 252 -10.83 20.06 14.15
CA GLY B 252 -10.85 19.10 15.24
C GLY B 252 -11.02 17.66 14.78
N VAL B 253 -11.85 17.46 13.77
CA VAL B 253 -12.09 16.15 13.18
C VAL B 253 -10.80 15.60 12.56
N ALA B 254 -10.10 16.42 11.79
CA ALA B 254 -8.88 15.99 11.09
C ALA B 254 -7.76 15.68 12.10
N ARG B 255 -7.57 16.58 13.07
CA ARG B 255 -6.64 16.38 14.18
C ARG B 255 -6.89 15.05 14.93
N HIS B 256 -8.14 14.83 15.34
CA HIS B 256 -8.54 13.58 15.99
C HIS B 256 -8.27 12.35 15.12
N TRP B 257 -8.65 12.42 13.86
CA TRP B 257 -8.48 11.33 12.91
C TRP B 257 -6.98 11.05 12.66
N ASN B 258 -6.22 12.09 12.38
CA ASN B 258 -4.79 11.91 12.10
C ASN B 258 -4.05 11.16 13.23
N ALA B 259 -4.40 11.46 14.47
CA ALA B 259 -3.84 10.76 15.61
C ALA B 259 -4.24 9.28 15.66
N LEU B 260 -5.51 8.98 15.38
CA LEU B 260 -5.96 7.58 15.27
C LEU B 260 -5.18 6.81 14.21
N ILE B 261 -4.90 7.46 13.07
CA ILE B 261 -4.13 6.86 11.96
C ILE B 261 -2.70 6.58 12.34
N ARG B 262 -2.03 7.54 12.99
CA ARG B 262 -0.65 7.31 13.43
C ARG B 262 -0.63 6.10 14.40
N GLU B 263 -1.61 6.05 15.29
CA GLU B 263 -1.72 4.92 16.21
C GLU B 263 -1.91 3.59 15.46
N LEU B 264 -2.86 3.58 14.53
CA LEU B 264 -3.18 2.40 13.76
C LEU B 264 -1.94 1.92 13.01
N GLU B 265 -1.24 2.86 12.37
CA GLU B 265 -0.14 2.49 11.47
C GLU B 265 1.10 1.92 12.13
N ARG B 266 1.05 1.80 13.46
CA ARG B 266 2.11 1.12 14.20
C ARG B 266 1.99 -0.39 13.99
N SER B 267 0.78 -0.86 13.73
CA SER B 267 0.53 -2.27 13.40
C SER B 267 0.74 -2.53 11.92
N GLY B 268 1.11 -1.50 11.17
CA GLY B 268 1.29 -1.62 9.73
C GLY B 268 0.17 -0.97 8.90
N THR B 269 0.32 -1.09 7.60
CA THR B 269 -0.51 -0.36 6.65
C THR B 269 -1.25 -1.27 5.67
N ASP B 270 -1.36 -2.56 6.01
CA ASP B 270 -2.02 -3.56 5.15
C ASP B 270 -3.47 -3.17 4.77
N TYR B 271 -4.10 -2.38 5.62
CA TYR B 271 -5.49 -1.96 5.42
C TYR B 271 -5.68 -1.07 4.19
N ARG B 272 -4.58 -0.41 3.79
CA ARG B 272 -4.50 0.46 2.60
C ARG B 272 -4.52 -0.28 1.27
N ASP B 273 -4.23 -1.58 1.28
CA ASP B 273 -3.95 -2.34 0.05
C ASP B 273 -5.18 -3.03 -0.53
#